data_4IJ7
#
_entry.id   4IJ7
#
_cell.length_a   80.650
_cell.length_b   89.110
_cell.length_c   43.400
_cell.angle_alpha   90.00
_cell.angle_beta   90.00
_cell.angle_gamma   90.00
#
_symmetry.space_group_name_H-M   'P 21 21 2'
#
loop_
_entity.id
_entity.type
_entity.pdbx_description
1 polymer 'Odorant binding protein-8'
2 non-polymer 2,5,8,11,14,17,20,23,26,29,32,35,38,41,44,47,50,53,56,59,62,65,68,71,74,77,80-HEPTACOSAOXADOOCTACONTAN-82-OL
3 non-polymer 'SODIUM ION'
4 water water
#
_entity_poly.entity_id   1
_entity_poly.type   'polypeptide(L)'
_entity_poly.pdbx_seq_one_letter_code
;GDNPCAAGPPVDTNPAECCPKPMLVDGTIMMDCYKKYGEQTKKQLQMDGIPRGCCIAECAMNATNMYADGMLKRDDLSKM
FMDAVKDKPEWMSLVRDATNACFELAEKKMDEIEAGAKLEPSFEGEKICHPISGTILRCMGMMMFAQCPASVFNVNENCN
KLREYGSICPMI
;
_entity_poly.pdbx_strand_id   A,B
#
# COMPACT_ATOMS: atom_id res chain seq x y z
N GLY A 1 -15.54 -13.40 -9.50
CA GLY A 1 -15.62 -14.79 -9.08
C GLY A 1 -14.34 -15.56 -9.36
N ASP A 2 -14.29 -16.21 -10.52
CA ASP A 2 -13.11 -16.95 -10.95
C ASP A 2 -11.90 -16.02 -11.06
N ASN A 3 -11.95 -15.09 -12.00
CA ASN A 3 -10.97 -14.02 -12.11
C ASN A 3 -11.61 -12.72 -11.62
N PRO A 4 -11.52 -12.46 -10.30
CA PRO A 4 -12.24 -11.36 -9.63
C PRO A 4 -11.56 -10.01 -9.86
N CYS A 5 -10.29 -10.07 -10.22
CA CYS A 5 -9.48 -8.89 -10.42
C CYS A 5 -9.68 -8.34 -11.82
N ALA A 6 -10.43 -9.08 -12.63
CA ALA A 6 -10.76 -8.66 -13.99
C ALA A 6 -11.60 -7.40 -14.00
N ALA A 7 -12.75 -7.46 -13.34
CA ALA A 7 -13.66 -6.31 -13.25
C ALA A 7 -13.01 -5.08 -12.61
N GLY A 8 -12.11 -5.31 -11.66
CA GLY A 8 -11.51 -4.21 -10.95
C GLY A 8 -12.38 -3.78 -9.79
N PRO A 9 -12.04 -2.64 -9.19
CA PRO A 9 -12.73 -2.10 -8.01
C PRO A 9 -14.23 -1.88 -8.23
N PRO A 10 -14.99 -1.84 -7.12
CA PRO A 10 -16.42 -1.46 -7.10
C PRO A 10 -16.58 0.03 -7.37
N VAL A 11 -17.59 0.40 -8.15
CA VAL A 11 -17.69 1.74 -8.76
C VAL A 11 -17.78 2.96 -7.81
N ASP A 12 -18.92 3.15 -7.16
CA ASP A 12 -19.14 4.33 -6.32
C ASP A 12 -18.53 4.13 -4.92
N THR A 13 -17.38 3.47 -4.88
CA THR A 13 -16.79 3.10 -3.59
C THR A 13 -15.52 3.90 -3.25
N ASN A 14 -15.68 4.88 -2.37
CA ASN A 14 -14.56 5.69 -1.87
C ASN A 14 -13.99 5.09 -0.58
N PRO A 15 -12.71 4.69 -0.63
CA PRO A 15 -11.99 4.07 0.48
C PRO A 15 -12.02 4.84 1.79
N ALA A 16 -12.20 6.17 1.72
CA ALA A 16 -12.31 6.97 2.94
C ALA A 16 -13.66 6.77 3.60
N GLU A 17 -14.66 6.40 2.82
CA GLU A 17 -15.96 6.02 3.37
C GLU A 17 -15.78 4.67 4.08
N CYS A 18 -15.21 3.70 3.37
CA CYS A 18 -15.02 2.35 3.89
C CYS A 18 -14.12 2.26 5.13
N CYS A 19 -13.12 3.13 5.20
CA CYS A 19 -12.18 3.10 6.32
C CYS A 19 -11.88 4.50 6.83
N PRO A 20 -12.56 4.89 7.91
CA PRO A 20 -12.42 6.19 8.58
C PRO A 20 -11.00 6.37 9.12
N LYS A 21 -10.06 6.63 8.22
CA LYS A 21 -8.66 6.74 8.59
C LYS A 21 -8.46 8.05 9.35
N PRO A 22 -7.85 7.98 10.54
CA PRO A 22 -7.64 9.18 11.38
C PRO A 22 -6.81 10.25 10.65
N MET A 23 -6.96 11.53 11.04
CA MET A 23 -6.22 12.59 10.34
C MET A 23 -4.87 12.82 11.00
N LEU A 24 -3.83 12.32 10.34
CA LEU A 24 -2.47 12.41 10.89
C LEU A 24 -1.91 13.80 10.67
N VAL A 25 -2.40 14.45 9.62
CA VAL A 25 -2.09 15.84 9.37
C VAL A 25 -3.43 16.58 9.34
N ASP A 26 -3.46 17.73 10.00
CA ASP A 26 -4.63 18.60 10.00
C ASP A 26 -5.24 18.74 8.61
N GLY A 27 -6.54 18.43 8.50
CA GLY A 27 -7.21 18.31 7.22
C GLY A 27 -7.27 19.65 6.49
N THR A 28 -7.57 20.70 7.24
CA THR A 28 -7.56 22.05 6.68
C THR A 28 -6.20 22.41 6.06
N ILE A 29 -5.11 22.06 6.75
CA ILE A 29 -3.79 22.34 6.19
C ILE A 29 -3.58 21.54 4.92
N MET A 30 -3.99 20.27 4.93
CA MET A 30 -3.82 19.41 3.77
C MET A 30 -4.59 19.91 2.55
N MET A 31 -5.87 20.28 2.74
CA MET A 31 -6.64 20.80 1.60
C MET A 31 -6.09 22.13 1.10
N ASP A 32 -5.59 22.97 2.02
CA ASP A 32 -5.00 24.22 1.60
C ASP A 32 -3.84 23.89 0.66
N CYS A 33 -3.01 22.95 1.11
CA CYS A 33 -1.83 22.56 0.35
C CYS A 33 -2.22 21.93 -0.97
N TYR A 34 -3.35 21.23 -1.00
CA TYR A 34 -3.78 20.59 -2.23
C TYR A 34 -4.22 21.64 -3.24
N LYS A 35 -4.99 22.62 -2.75
CA LYS A 35 -5.49 23.69 -3.60
C LYS A 35 -4.33 24.43 -4.26
N LYS A 36 -3.28 24.68 -3.48
CA LYS A 36 -2.09 25.36 -3.96
C LYS A 36 -1.22 24.53 -4.95
N TYR A 37 -0.94 23.26 -4.63
CA TYR A 37 0.05 22.49 -5.39
C TYR A 37 -0.51 21.22 -6.07
N GLY A 38 -1.83 21.06 -6.04
CA GLY A 38 -2.50 19.90 -6.58
C GLY A 38 -2.30 19.75 -8.07
N GLU A 39 -2.43 20.86 -8.80
CA GLU A 39 -2.22 20.79 -10.24
C GLU A 39 -0.77 20.42 -10.60
N GLN A 40 0.21 20.98 -9.89
CA GLN A 40 1.61 20.68 -10.17
C GLN A 40 1.92 19.19 -9.91
N THR A 41 1.41 18.67 -8.79
CA THR A 41 1.62 17.27 -8.45
C THR A 41 0.97 16.36 -9.50
N LYS A 42 -0.18 16.76 -10.02
CA LYS A 42 -0.85 15.96 -11.06
C LYS A 42 0.01 15.92 -12.33
N LYS A 43 0.60 17.07 -12.71
CA LYS A 43 1.49 17.12 -13.90
C LYS A 43 2.69 16.22 -13.71
N GLN A 44 3.37 16.40 -12.58
CA GLN A 44 4.58 15.64 -12.27
C GLN A 44 4.36 14.13 -12.27
N LEU A 45 3.15 13.70 -11.93
CA LEU A 45 2.85 12.26 -11.97
C LEU A 45 3.04 11.70 -13.38
N GLN A 46 2.95 12.56 -14.40
CA GLN A 46 3.03 12.11 -15.80
C GLN A 46 4.40 12.35 -16.41
N MET A 47 5.35 12.79 -15.58
CA MET A 47 6.70 13.01 -16.09
C MET A 47 7.56 11.75 -15.92
N ASP A 48 8.46 11.50 -16.86
CA ASP A 48 9.33 10.32 -16.77
C ASP A 48 10.58 10.63 -15.94
N GLY A 49 11.43 9.64 -15.70
CA GLY A 49 12.66 9.88 -14.96
C GLY A 49 12.49 9.72 -13.45
N ILE A 50 13.46 10.22 -12.69
CA ILE A 50 13.40 10.22 -11.23
C ILE A 50 12.09 10.89 -10.79
N PRO A 51 11.31 10.22 -9.92
CA PRO A 51 10.07 10.83 -9.42
C PRO A 51 10.33 12.19 -8.79
N ARG A 52 9.48 13.15 -9.10
CA ARG A 52 9.61 14.49 -8.52
C ARG A 52 8.82 14.61 -7.22
N GLY A 53 9.39 15.35 -6.27
CA GLY A 53 8.79 15.49 -4.97
C GLY A 53 7.40 16.12 -4.99
N CYS A 54 6.51 15.59 -4.16
CA CYS A 54 5.16 16.12 -4.02
C CYS A 54 5.21 17.41 -3.24
N CYS A 55 4.80 18.50 -3.86
CA CYS A 55 4.81 19.79 -3.15
C CYS A 55 3.63 19.96 -2.21
N ILE A 56 2.57 19.16 -2.39
CA ILE A 56 1.44 19.18 -1.48
C ILE A 56 1.89 18.71 -0.10
N ALA A 57 2.56 17.56 -0.07
CA ALA A 57 3.09 17.01 1.17
C ALA A 57 4.13 17.94 1.75
N GLU A 58 5.04 18.45 0.90
CA GLU A 58 6.08 19.34 1.43
C GLU A 58 5.46 20.63 1.95
N CYS A 59 4.32 21.01 1.39
CA CYS A 59 3.62 22.18 1.89
C CYS A 59 3.11 21.89 3.30
N ALA A 60 2.55 20.69 3.46
CA ALA A 60 1.95 20.26 4.71
C ALA A 60 2.96 20.15 5.86
N MET A 61 4.17 19.70 5.55
CA MET A 61 5.18 19.53 6.58
C MET A 61 5.88 20.85 6.94
N ASN A 62 5.97 21.75 5.97
CA ASN A 62 6.33 23.14 6.25
C ASN A 62 5.34 23.77 7.22
N ALA A 63 4.04 23.61 6.93
CA ALA A 63 3.02 24.35 7.66
C ALA A 63 2.87 23.81 9.09
N THR A 64 3.15 22.52 9.27
CA THR A 64 3.16 21.89 10.59
C THR A 64 4.55 21.92 11.25
N ASN A 65 5.52 22.56 10.59
CA ASN A 65 6.88 22.73 11.13
C ASN A 65 7.68 21.44 11.26
N MET A 66 7.44 20.48 10.36
CA MET A 66 8.07 19.17 10.43
C MET A 66 9.15 18.97 9.39
N TYR A 67 9.22 19.88 8.43
CA TYR A 67 10.24 19.83 7.40
C TYR A 67 11.03 21.13 7.45
N ALA A 68 12.33 21.02 7.39
CA ALA A 68 13.20 22.20 7.34
C ALA A 68 14.60 21.80 6.94
N ASP A 69 15.24 22.62 6.11
CA ASP A 69 16.63 22.42 5.73
C ASP A 69 16.88 21.06 5.06
N GLY A 70 16.00 20.64 4.16
CA GLY A 70 16.16 19.38 3.46
C GLY A 70 15.95 18.19 4.37
N MET A 71 15.48 18.46 5.58
CA MET A 71 15.31 17.41 6.58
C MET A 71 13.87 17.33 7.12
N LEU A 72 13.34 16.12 7.16
CA LEU A 72 12.05 15.87 7.80
C LEU A 72 12.33 15.35 9.22
N LYS A 73 11.69 15.96 10.21
CA LYS A 73 11.99 15.63 11.61
C LYS A 73 11.29 14.34 12.03
N ARG A 74 11.97 13.20 11.93
CA ARG A 74 11.34 11.91 12.24
C ARG A 74 10.69 11.84 13.63
N ASP A 75 11.42 12.16 14.69
CA ASP A 75 10.86 12.01 16.01
C ASP A 75 9.66 12.92 16.22
N ASP A 76 9.80 14.15 15.71
CA ASP A 76 8.73 15.13 15.85
C ASP A 76 7.51 14.73 15.00
N LEU A 77 7.77 14.22 13.80
CA LEU A 77 6.66 13.78 12.96
C LEU A 77 5.95 12.58 13.58
N SER A 78 6.72 11.60 14.07
CA SER A 78 6.16 10.43 14.74
C SER A 78 5.29 10.84 15.91
N LYS A 79 5.74 11.80 16.71
CA LYS A 79 4.92 12.20 17.84
C LYS A 79 3.63 12.89 17.38
N MET A 80 3.69 13.65 16.29
CA MET A 80 2.47 14.30 15.78
C MET A 80 1.45 13.24 15.34
N PHE A 81 1.94 12.18 14.73
CA PHE A 81 1.10 11.07 14.29
C PHE A 81 0.45 10.34 15.47
N MET A 82 1.19 10.15 16.56
CA MET A 82 0.61 9.51 17.75
C MET A 82 -0.45 10.42 18.40
N ASP A 83 -0.15 11.70 18.53
CA ASP A 83 -1.14 12.65 19.04
C ASP A 83 -2.47 12.63 18.24
N ALA A 84 -2.39 12.35 16.95
CA ALA A 84 -3.61 12.33 16.11
C ALA A 84 -4.52 11.16 16.43
N VAL A 85 -3.95 10.11 17.04
CA VAL A 85 -4.71 8.91 17.43
C VAL A 85 -4.85 8.73 18.95
N LYS A 86 -4.63 9.81 19.69
CA LYS A 86 -4.72 9.75 21.15
C LYS A 86 -6.13 9.44 21.64
N ASP A 87 -7.13 9.67 20.79
CA ASP A 87 -8.50 9.28 21.12
C ASP A 87 -8.94 8.07 20.31
N LYS A 88 -7.99 7.41 19.64
CA LYS A 88 -8.29 6.24 18.80
C LYS A 88 -7.25 5.13 19.03
N PRO A 89 -7.37 4.40 20.15
CA PRO A 89 -6.39 3.36 20.52
C PRO A 89 -6.38 2.19 19.55
N GLU A 90 -7.50 1.98 18.85
CA GLU A 90 -7.56 0.92 17.86
C GLU A 90 -6.57 1.15 16.72
N TRP A 91 -6.04 2.38 16.63
CA TRP A 91 -5.14 2.79 15.56
C TRP A 91 -3.71 3.00 16.06
N MET A 92 -3.52 3.02 17.38
CA MET A 92 -2.22 3.43 17.94
C MET A 92 -1.06 2.51 17.56
N SER A 93 -1.25 1.21 17.72
CA SER A 93 -0.24 0.24 17.36
C SER A 93 0.09 0.41 15.87
N LEU A 94 -0.95 0.35 15.05
CA LEU A 94 -0.83 0.46 13.60
C LEU A 94 -0.12 1.75 13.14
N VAL A 95 -0.53 2.91 13.68
CA VAL A 95 0.13 4.16 13.35
C VAL A 95 1.61 4.19 13.79
N ARG A 96 1.91 3.59 14.94
CA ARG A 96 3.30 3.47 15.38
C ARG A 96 4.13 2.68 14.37
N ASP A 97 3.64 1.49 14.01
CA ASP A 97 4.38 0.59 13.14
C ASP A 97 4.52 1.13 11.72
N ALA A 98 3.43 1.68 11.20
CA ALA A 98 3.47 2.28 9.86
C ALA A 98 4.53 3.39 9.86
N THR A 99 4.64 4.11 10.95
CA THR A 99 5.58 5.21 10.97
C THR A 99 7.01 4.71 10.74
N ASN A 100 7.42 3.75 11.57
CA ASN A 100 8.75 3.18 11.41
C ASN A 100 8.89 2.51 10.05
N ALA A 101 7.86 1.74 9.62
CA ALA A 101 7.90 1.07 8.32
C ALA A 101 8.08 2.05 7.17
N CYS A 102 7.32 3.14 7.20
CA CYS A 102 7.44 4.16 6.16
C CYS A 102 8.81 4.88 6.19
N PHE A 103 9.30 5.25 7.37
CA PHE A 103 10.64 5.85 7.42
C PHE A 103 11.71 4.89 6.89
N GLU A 104 11.66 3.62 7.33
CA GLU A 104 12.58 2.61 6.80
C GLU A 104 12.42 2.34 5.28
N LEU A 105 11.19 2.47 4.75
CA LEU A 105 10.99 2.26 3.32
C LEU A 105 11.68 3.38 2.54
N ALA A 106 11.56 4.59 3.06
CA ALA A 106 12.20 5.76 2.46
C ALA A 106 13.68 5.59 2.47
N GLU A 107 14.20 4.99 3.54
CA GLU A 107 15.64 4.83 3.66
C GLU A 107 16.18 3.92 2.54
N LYS A 108 15.41 2.88 2.18
CA LYS A 108 15.83 1.95 1.12
C LYS A 108 15.93 2.59 -0.26
N LYS A 109 15.10 3.59 -0.51
CA LYS A 109 15.17 4.32 -1.78
C LYS A 109 15.70 5.73 -1.59
N MET A 110 16.48 5.95 -0.53
CA MET A 110 16.92 7.31 -0.23
C MET A 110 17.74 7.92 -1.36
N ASP A 111 18.49 7.10 -2.09
CA ASP A 111 19.30 7.62 -3.19
C ASP A 111 18.42 8.26 -4.25
N GLU A 112 17.37 7.54 -4.66
CA GLU A 112 16.42 8.07 -5.63
C GLU A 112 15.71 9.34 -5.13
N ILE A 113 15.35 9.34 -3.85
CA ILE A 113 14.66 10.46 -3.22
C ILE A 113 15.56 11.71 -3.18
N GLU A 114 16.83 11.52 -2.83
CA GLU A 114 17.76 12.63 -2.75
C GLU A 114 18.04 13.16 -4.15
N ALA A 115 18.14 12.26 -5.13
CA ALA A 115 18.27 12.66 -6.53
C ALA A 115 17.10 13.56 -6.89
N GLY A 116 15.89 13.13 -6.49
CA GLY A 116 14.67 13.86 -6.74
C GLY A 116 14.72 15.24 -6.12
N ALA A 117 15.38 15.34 -4.98
CA ALA A 117 15.47 16.61 -4.25
C ALA A 117 16.43 17.59 -4.92
N LYS A 118 17.28 17.07 -5.81
CA LYS A 118 18.38 17.84 -6.41
C LYS A 118 18.12 18.28 -7.84
N LEU A 119 16.97 17.89 -8.40
CA LEU A 119 16.59 18.27 -9.77
C LEU A 119 16.50 19.79 -9.92
N GLU A 120 16.62 20.26 -11.16
CA GLU A 120 16.45 21.69 -11.46
C GLU A 120 15.12 21.83 -12.19
N PRO A 121 14.51 23.02 -12.13
CA PRO A 121 13.22 23.20 -12.82
C PRO A 121 13.30 22.83 -14.29
N SER A 122 12.36 21.99 -14.73
CA SER A 122 12.28 21.54 -16.12
C SER A 122 11.70 22.66 -16.96
N PHE A 123 11.06 23.61 -16.27
CA PHE A 123 10.39 24.71 -16.95
C PHE A 123 10.20 25.96 -16.09
N GLU A 124 9.37 26.88 -16.58
CA GLU A 124 9.11 28.17 -15.91
C GLU A 124 8.36 28.00 -14.59
N GLY A 125 8.96 28.48 -13.50
CA GLY A 125 8.34 28.47 -12.19
C GLY A 125 8.05 27.10 -11.59
N GLU A 126 8.81 26.08 -11.97
CA GLU A 126 8.63 24.77 -11.32
C GLU A 126 9.17 24.82 -9.91
N LYS A 127 8.35 24.44 -8.94
CA LYS A 127 8.81 24.36 -7.56
C LYS A 127 9.34 22.97 -7.34
N ILE A 128 10.63 22.89 -7.03
CA ILE A 128 11.28 21.62 -6.78
C ILE A 128 11.15 21.33 -5.30
N CYS A 129 10.40 20.27 -4.99
CA CYS A 129 10.19 19.89 -3.61
C CYS A 129 10.92 18.59 -3.29
N HIS A 130 11.32 18.44 -2.03
CA HIS A 130 11.98 17.24 -1.55
C HIS A 130 10.93 16.17 -1.48
N PRO A 131 11.21 15.01 -2.09
CA PRO A 131 10.26 13.91 -2.18
C PRO A 131 10.09 13.20 -0.83
N ILE A 132 10.93 13.48 0.16
CA ILE A 132 10.76 12.79 1.45
C ILE A 132 9.35 12.91 2.05
N SER A 133 8.78 14.12 2.04
CA SER A 133 7.47 14.33 2.68
C SER A 133 6.37 13.47 2.06
N GLY A 134 6.34 13.42 0.73
CA GLY A 134 5.28 12.71 0.04
C GLY A 134 5.42 11.21 0.11
N THR A 135 6.65 10.75 0.22
CA THR A 135 6.93 9.34 0.44
C THR A 135 6.36 8.90 1.79
N ILE A 136 6.67 9.65 2.84
CA ILE A 136 6.10 9.33 4.14
C ILE A 136 4.55 9.43 4.12
N LEU A 137 4.00 10.54 3.63
CA LEU A 137 2.54 10.71 3.71
C LEU A 137 1.75 9.70 2.88
N ARG A 138 2.19 9.42 1.64
CA ARG A 138 1.52 8.40 0.84
C ARG A 138 1.71 7.04 1.50
N CYS A 139 2.92 6.76 2.00
CA CYS A 139 3.15 5.47 2.68
C CYS A 139 2.15 5.26 3.80
N MET A 140 1.98 6.28 4.64
CA MET A 140 1.14 6.15 5.84
C MET A 140 -0.32 5.82 5.47
N GLY A 141 -0.89 6.62 4.56
CA GLY A 141 -2.28 6.44 4.17
C GLY A 141 -2.51 5.05 3.63
N MET A 142 -1.59 4.59 2.79
CA MET A 142 -1.65 3.25 2.25
C MET A 142 -1.52 2.16 3.31
N MET A 143 -0.52 2.28 4.19
CA MET A 143 -0.34 1.33 5.28
C MET A 143 -1.62 1.22 6.10
N MET A 144 -2.30 2.34 6.27
CA MET A 144 -3.46 2.39 7.15
C MET A 144 -4.73 1.84 6.50
N PHE A 145 -5.01 2.29 5.29
CA PHE A 145 -6.11 1.74 4.51
C PHE A 145 -5.96 0.23 4.43
N ALA A 146 -4.82 -0.24 3.94
CA ALA A 146 -4.53 -1.68 3.78
C ALA A 146 -4.64 -2.51 5.06
N GLN A 147 -4.48 -1.88 6.22
CA GLN A 147 -4.60 -2.64 7.46
C GLN A 147 -5.74 -2.17 8.35
N CYS A 148 -6.75 -1.58 7.74
CA CYS A 148 -7.86 -0.98 8.48
C CYS A 148 -8.42 -1.95 9.52
N PRO A 149 -8.48 -1.53 10.80
CA PRO A 149 -9.00 -2.46 11.79
C PRO A 149 -10.45 -2.85 11.49
N ALA A 150 -10.76 -4.14 11.65
CA ALA A 150 -12.10 -4.66 11.48
C ALA A 150 -13.09 -3.87 12.33
N SER A 151 -12.68 -3.47 13.53
CA SER A 151 -13.55 -2.72 14.44
C SER A 151 -13.98 -1.35 13.90
N VAL A 152 -13.26 -0.81 12.91
CA VAL A 152 -13.65 0.50 12.34
C VAL A 152 -14.11 0.44 10.88
N PHE A 153 -13.80 -0.65 10.19
CA PHE A 153 -14.24 -0.80 8.80
C PHE A 153 -15.76 -0.66 8.66
N ASN A 154 -16.19 -0.02 7.57
CA ASN A 154 -17.62 0.19 7.35
C ASN A 154 -18.19 -0.92 6.47
N VAL A 155 -19.11 -1.67 7.06
CA VAL A 155 -19.58 -2.91 6.46
C VAL A 155 -20.74 -2.73 5.47
N ASN A 156 -20.43 -2.91 4.18
CA ASN A 156 -21.47 -3.02 3.14
C ASN A 156 -20.92 -3.68 1.87
N GLU A 157 -21.81 -4.34 1.14
CA GLU A 157 -21.47 -5.12 -0.07
C GLU A 157 -20.38 -4.54 -0.98
N ASN A 158 -20.32 -3.21 -1.10
CA ASN A 158 -19.29 -2.57 -1.91
C ASN A 158 -17.99 -2.32 -1.14
N CYS A 159 -18.11 -1.95 0.13
CA CYS A 159 -16.93 -1.86 0.99
C CYS A 159 -16.35 -3.26 1.24
N ASN A 160 -17.22 -4.25 1.33
CA ASN A 160 -16.80 -5.65 1.48
C ASN A 160 -16.13 -6.12 0.19
N LYS A 161 -16.62 -5.65 -0.96
CA LYS A 161 -15.99 -6.02 -2.24
C LYS A 161 -14.68 -5.27 -2.45
N LEU A 162 -14.66 -4.00 -2.09
CA LEU A 162 -13.42 -3.22 -2.15
C LEU A 162 -12.35 -3.89 -1.28
N ARG A 163 -12.74 -4.31 -0.07
CA ARG A 163 -11.82 -5.04 0.79
C ARG A 163 -11.35 -6.37 0.17
N GLU A 164 -12.28 -7.15 -0.38
CA GLU A 164 -11.91 -8.41 -1.04
C GLU A 164 -10.92 -8.18 -2.18
N TYR A 165 -11.16 -7.11 -2.93
CA TYR A 165 -10.33 -6.78 -4.09
C TYR A 165 -8.92 -6.44 -3.64
N GLY A 166 -8.81 -5.43 -2.79
CA GLY A 166 -7.52 -4.96 -2.31
C GLY A 166 -6.71 -5.97 -1.51
N SER A 167 -7.38 -6.97 -0.94
CA SER A 167 -6.68 -7.97 -0.14
C SER A 167 -6.23 -9.17 -0.97
N ILE A 168 -7.03 -9.57 -1.95
CA ILE A 168 -6.71 -10.73 -2.76
C ILE A 168 -6.01 -10.34 -4.07
N CYS A 169 -6.63 -9.44 -4.83
CA CYS A 169 -6.12 -9.14 -6.16
C CYS A 169 -4.64 -8.74 -6.25
N PRO A 170 -4.14 -7.91 -5.29
CA PRO A 170 -2.71 -7.59 -5.35
C PRO A 170 -1.76 -8.79 -5.32
N MET A 171 -2.20 -9.93 -4.81
CA MET A 171 -1.26 -11.05 -4.69
C MET A 171 -1.36 -12.02 -5.86
N ILE A 172 -2.42 -11.90 -6.65
CA ILE A 172 -2.68 -12.79 -7.79
C ILE A 172 -2.84 -12.00 -9.09
N GLY B 1 -11.44 18.54 -10.15
CA GLY B 1 -10.44 19.33 -9.47
C GLY B 1 -10.71 19.56 -7.98
N ASP B 2 -11.83 20.22 -7.67
CA ASP B 2 -12.17 20.64 -6.30
C ASP B 2 -12.17 19.52 -5.25
N ASN B 3 -12.98 18.48 -5.49
CA ASN B 3 -12.97 17.29 -4.63
C ASN B 3 -12.38 16.08 -5.37
N PRO B 4 -11.05 15.91 -5.27
CA PRO B 4 -10.28 14.91 -6.04
C PRO B 4 -10.42 13.48 -5.52
N CYS B 5 -11.09 13.32 -4.37
CA CYS B 5 -11.17 12.00 -3.73
C CYS B 5 -12.59 11.50 -3.47
N ALA B 6 -13.51 12.43 -3.23
CA ALA B 6 -14.93 12.09 -3.09
C ALA B 6 -15.39 11.31 -4.31
N ALA B 7 -15.06 11.84 -5.48
CA ALA B 7 -15.35 11.19 -6.74
C ALA B 7 -14.93 9.72 -6.69
N GLY B 8 -13.72 9.49 -6.19
CA GLY B 8 -13.22 8.15 -6.05
C GLY B 8 -12.56 7.69 -7.34
N PRO B 9 -12.03 6.46 -7.33
CA PRO B 9 -11.36 5.84 -8.47
C PRO B 9 -12.21 5.76 -9.72
N PRO B 10 -11.60 5.95 -10.91
CA PRO B 10 -12.10 5.68 -12.25
C PRO B 10 -12.95 4.43 -12.28
N VAL B 11 -14.08 4.50 -12.98
CA VAL B 11 -15.12 3.47 -12.90
C VAL B 11 -14.72 2.03 -13.29
N ASP B 12 -14.34 1.83 -14.55
CA ASP B 12 -14.15 0.47 -15.07
C ASP B 12 -12.67 0.10 -15.23
N THR B 13 -11.80 0.78 -14.48
CA THR B 13 -10.37 0.62 -14.70
C THR B 13 -9.67 -0.30 -13.69
N ASN B 14 -9.05 -1.35 -14.22
CA ASN B 14 -8.33 -2.34 -13.42
C ASN B 14 -6.83 -2.02 -13.33
N PRO B 15 -6.34 -1.74 -12.10
CA PRO B 15 -4.95 -1.41 -11.80
C PRO B 15 -3.94 -2.22 -12.61
N ALA B 16 -4.25 -3.50 -12.83
CA ALA B 16 -3.33 -4.41 -13.52
C ALA B 16 -3.16 -4.01 -14.98
N GLU B 17 -4.17 -3.33 -15.54
CA GLU B 17 -4.08 -2.86 -16.91
C GLU B 17 -3.17 -1.64 -17.00
N CYS B 18 -3.33 -0.72 -16.05
CA CYS B 18 -2.52 0.48 -16.01
C CYS B 18 -1.10 0.15 -15.58
N CYS B 19 -0.96 -0.90 -14.77
CA CYS B 19 0.36 -1.27 -14.29
C CYS B 19 0.66 -2.74 -14.51
N PRO B 20 1.63 -3.02 -15.40
CA PRO B 20 2.03 -4.39 -15.71
C PRO B 20 2.84 -4.97 -14.56
N LYS B 21 2.18 -5.14 -13.42
CA LYS B 21 2.83 -5.71 -12.24
C LYS B 21 3.26 -7.14 -12.55
N PRO B 22 4.54 -7.45 -12.32
CA PRO B 22 5.04 -8.80 -12.62
C PRO B 22 4.49 -9.84 -11.66
N MET B 23 4.30 -11.06 -12.15
CA MET B 23 3.86 -12.14 -11.27
C MET B 23 5.07 -12.72 -10.54
N LEU B 24 5.06 -12.58 -9.22
CA LEU B 24 6.15 -13.05 -8.38
C LEU B 24 6.01 -14.53 -8.10
N VAL B 25 4.77 -15.02 -8.13
CA VAL B 25 4.50 -16.43 -7.99
C VAL B 25 3.74 -16.89 -9.22
N ASP B 26 4.05 -18.09 -9.72
CA ASP B 26 3.36 -18.66 -10.86
C ASP B 26 1.83 -18.51 -10.76
N GLY B 27 1.22 -18.00 -11.82
CA GLY B 27 -0.21 -17.73 -11.82
C GLY B 27 -1.11 -18.95 -11.68
N THR B 28 -0.64 -20.08 -12.22
CA THR B 28 -1.34 -21.36 -12.08
C THR B 28 -1.45 -21.72 -10.62
N ILE B 29 -0.33 -21.66 -9.91
CA ILE B 29 -0.32 -21.97 -8.49
C ILE B 29 -1.28 -21.03 -7.76
N MET B 30 -1.16 -19.72 -8.02
CA MET B 30 -2.04 -18.75 -7.36
C MET B 30 -3.52 -19.02 -7.67
N MET B 31 -3.82 -19.40 -8.90
CA MET B 31 -5.21 -19.69 -9.27
C MET B 31 -5.76 -20.99 -8.67
N ASP B 32 -4.94 -22.04 -8.65
CA ASP B 32 -5.29 -23.29 -7.96
C ASP B 32 -5.52 -23.05 -6.47
N CYS B 33 -4.61 -22.32 -5.84
CA CYS B 33 -4.73 -21.96 -4.42
C CYS B 33 -5.97 -21.13 -4.16
N TYR B 34 -6.27 -20.21 -5.08
CA TYR B 34 -7.44 -19.34 -4.98
C TYR B 34 -8.74 -20.11 -5.10
N LYS B 35 -8.75 -21.10 -5.99
CA LYS B 35 -9.93 -21.94 -6.16
C LYS B 35 -10.18 -22.77 -4.89
N LYS B 36 -9.14 -23.30 -4.26
CA LYS B 36 -9.30 -24.01 -2.97
C LYS B 36 -9.81 -23.12 -1.82
N TYR B 37 -9.28 -21.89 -1.75
CA TYR B 37 -9.37 -21.13 -0.50
C TYR B 37 -9.98 -19.74 -0.63
N GLY B 38 -10.40 -19.39 -1.85
CA GLY B 38 -10.94 -18.09 -2.12
C GLY B 38 -12.08 -17.75 -1.20
N GLU B 39 -13.12 -18.59 -1.23
CA GLU B 39 -14.32 -18.35 -0.45
C GLU B 39 -14.05 -18.18 1.04
N GLN B 40 -13.16 -19.02 1.56
CA GLN B 40 -12.88 -18.99 2.99
C GLN B 40 -12.18 -17.67 3.37
N THR B 41 -11.34 -17.18 2.48
CA THR B 41 -10.59 -15.95 2.74
C THR B 41 -11.58 -14.78 2.70
N LYS B 42 -12.54 -14.89 1.78
CA LYS B 42 -13.60 -13.88 1.67
C LYS B 42 -14.40 -13.76 2.95
N LYS B 43 -14.71 -14.89 3.59
CA LYS B 43 -15.47 -14.84 4.86
C LYS B 43 -14.60 -14.34 6.01
N GLN B 44 -13.36 -14.82 6.06
CA GLN B 44 -12.41 -14.37 7.06
C GLN B 44 -12.24 -12.85 7.07
N LEU B 45 -12.26 -12.23 5.89
CA LEU B 45 -12.12 -10.77 5.78
C LEU B 45 -13.24 -10.01 6.50
N GLN B 46 -14.35 -10.69 6.76
CA GLN B 46 -15.52 -10.05 7.37
C GLN B 46 -15.60 -10.33 8.87
N MET B 47 -14.82 -11.31 9.34
CA MET B 47 -14.78 -11.64 10.76
C MET B 47 -14.06 -10.56 11.59
N ASP B 48 -14.56 -10.30 12.80
CA ASP B 48 -13.89 -9.36 13.69
C ASP B 48 -12.74 -10.04 14.42
N GLY B 49 -11.99 -9.28 15.22
CA GLY B 49 -10.92 -9.84 16.01
C GLY B 49 -9.60 -9.82 15.28
N ILE B 50 -8.62 -10.50 15.85
CA ILE B 50 -7.30 -10.68 15.24
C ILE B 50 -7.50 -11.17 13.81
N PRO B 51 -6.78 -10.55 12.85
CA PRO B 51 -6.90 -10.96 11.45
C PRO B 51 -6.48 -12.41 11.27
N ARG B 52 -7.24 -13.16 10.45
CA ARG B 52 -6.98 -14.57 10.23
C ARG B 52 -6.03 -14.78 9.06
N GLY B 53 -5.22 -15.84 9.11
CA GLY B 53 -4.23 -16.07 8.07
C GLY B 53 -4.89 -16.38 6.75
N CYS B 54 -4.27 -15.94 5.66
CA CYS B 54 -4.81 -16.17 4.32
C CYS B 54 -4.32 -17.51 3.82
N CYS B 55 -5.25 -18.41 3.54
CA CYS B 55 -4.88 -19.75 3.09
C CYS B 55 -4.57 -19.78 1.60
N ILE B 56 -5.08 -18.82 0.84
CA ILE B 56 -4.66 -18.70 -0.56
C ILE B 56 -3.15 -18.59 -0.57
N ALA B 57 -2.63 -17.59 0.14
CA ALA B 57 -1.18 -17.39 0.20
C ALA B 57 -0.45 -18.60 0.76
N GLU B 58 -0.92 -19.14 1.89
CA GLU B 58 -0.21 -20.25 2.50
C GLU B 58 -0.16 -21.43 1.54
N CYS B 59 -1.27 -21.63 0.83
CA CYS B 59 -1.31 -22.67 -0.20
C CYS B 59 -0.18 -22.49 -1.23
N ALA B 60 0.03 -21.25 -1.67
CA ALA B 60 1.02 -20.94 -2.70
C ALA B 60 2.44 -21.11 -2.18
N MET B 61 2.63 -20.85 -0.90
CA MET B 61 3.96 -20.94 -0.30
C MET B 61 4.29 -22.41 0.01
N ASN B 62 3.24 -23.19 0.24
CA ASN B 62 3.40 -24.63 0.41
C ASN B 62 3.82 -25.22 -0.93
N ALA B 63 3.06 -24.86 -1.98
CA ALA B 63 3.28 -25.39 -3.34
C ALA B 63 4.71 -25.19 -3.83
N THR B 64 5.34 -24.11 -3.39
CA THR B 64 6.68 -23.72 -3.84
C THR B 64 7.74 -24.00 -2.77
N ASN B 65 7.38 -24.81 -1.77
CA ASN B 65 8.29 -25.14 -0.66
C ASN B 65 8.89 -23.94 0.05
N MET B 66 8.08 -22.89 0.17
CA MET B 66 8.55 -21.68 0.81
C MET B 66 8.08 -21.58 2.26
N TYR B 67 6.99 -22.28 2.57
CA TYR B 67 6.47 -22.26 3.93
C TYR B 67 6.67 -23.59 4.65
N ALA B 68 7.10 -23.49 5.90
CA ALA B 68 7.18 -24.65 6.79
C ALA B 68 7.29 -24.21 8.24
N ASP B 69 6.40 -24.75 9.07
CA ASP B 69 6.55 -24.67 10.52
C ASP B 69 6.49 -23.23 11.02
N GLY B 70 5.41 -22.54 10.71
CA GLY B 70 5.25 -21.15 11.11
C GLY B 70 6.26 -20.19 10.50
N MET B 71 7.04 -20.67 9.53
CA MET B 71 8.06 -19.82 8.92
C MET B 71 8.17 -19.94 7.40
N LEU B 72 8.19 -18.79 6.72
CA LEU B 72 8.61 -18.70 5.32
C LEU B 72 10.12 -18.72 5.31
N LYS B 73 10.69 -19.36 4.29
CA LYS B 73 12.12 -19.34 4.03
C LYS B 73 12.52 -18.04 3.34
N ARG B 74 13.03 -17.07 4.09
CA ARG B 74 13.27 -15.73 3.55
C ARG B 74 14.25 -15.70 2.37
N ASP B 75 15.36 -16.43 2.49
CA ASP B 75 16.38 -16.46 1.45
C ASP B 75 15.84 -17.08 0.16
N ASP B 76 15.24 -18.25 0.26
CA ASP B 76 14.70 -18.94 -0.91
C ASP B 76 13.60 -18.11 -1.58
N LEU B 77 12.76 -17.49 -0.75
CA LEU B 77 11.63 -16.74 -1.28
C LEU B 77 12.12 -15.45 -1.95
N SER B 78 13.05 -14.74 -1.30
CA SER B 78 13.62 -13.54 -1.90
C SER B 78 14.25 -13.87 -3.26
N LYS B 79 15.10 -14.89 -3.27
CA LYS B 79 15.68 -15.42 -4.50
C LYS B 79 14.59 -15.68 -5.54
N MET B 80 13.53 -16.36 -5.12
CA MET B 80 12.45 -16.66 -6.08
C MET B 80 11.83 -15.39 -6.64
N PHE B 81 11.66 -14.39 -5.79
CA PHE B 81 11.09 -13.11 -6.23
C PHE B 81 12.01 -12.46 -7.27
N MET B 82 13.28 -12.23 -6.92
CA MET B 82 14.28 -11.69 -7.84
C MET B 82 14.38 -12.45 -9.15
N ASP B 83 14.42 -13.78 -9.05
CA ASP B 83 14.42 -14.62 -10.25
C ASP B 83 13.22 -14.29 -11.13
N ALA B 84 12.08 -13.95 -10.52
CA ALA B 84 10.85 -13.71 -11.28
C ALA B 84 10.93 -12.43 -12.12
N VAL B 85 11.85 -11.54 -11.77
CA VAL B 85 11.96 -10.29 -12.53
C VAL B 85 13.31 -10.17 -13.20
N LYS B 86 13.99 -11.31 -13.41
CA LYS B 86 15.34 -11.30 -13.97
C LYS B 86 15.40 -10.66 -15.36
N ASP B 87 14.28 -10.72 -16.08
CA ASP B 87 14.14 -10.09 -17.40
C ASP B 87 13.29 -8.81 -17.36
N LYS B 88 13.10 -8.26 -16.16
CA LYS B 88 12.38 -6.99 -15.96
C LYS B 88 13.20 -6.00 -15.12
N PRO B 89 14.36 -5.55 -15.64
CA PRO B 89 15.28 -4.76 -14.80
C PRO B 89 14.64 -3.52 -14.19
N GLU B 90 13.56 -3.02 -14.77
CA GLU B 90 12.86 -1.85 -14.25
C GLU B 90 12.09 -2.14 -12.96
N TRP B 91 12.11 -3.40 -12.51
CA TRP B 91 11.41 -3.77 -11.28
C TRP B 91 12.35 -4.28 -10.17
N MET B 92 13.62 -4.48 -10.50
CA MET B 92 14.56 -5.17 -9.60
C MET B 92 14.77 -4.51 -8.24
N SER B 93 15.20 -3.25 -8.23
CA SER B 93 15.39 -2.51 -6.98
C SER B 93 14.10 -2.51 -6.17
N LEU B 94 13.00 -2.24 -6.87
CA LEU B 94 11.69 -2.20 -6.27
C LEU B 94 11.32 -3.53 -5.59
N VAL B 95 11.42 -4.63 -6.32
CA VAL B 95 11.07 -5.95 -5.75
C VAL B 95 11.94 -6.33 -4.56
N ARG B 96 13.24 -6.07 -4.68
CA ARG B 96 14.15 -6.39 -3.60
C ARG B 96 13.86 -5.55 -2.36
N ASP B 97 13.65 -4.25 -2.56
CA ASP B 97 13.31 -3.37 -1.43
C ASP B 97 11.97 -3.80 -0.82
N ALA B 98 10.98 -4.07 -1.65
CA ALA B 98 9.66 -4.50 -1.16
C ALA B 98 9.78 -5.76 -0.33
N THR B 99 10.60 -6.70 -0.79
CA THR B 99 10.87 -7.94 -0.07
C THR B 99 11.31 -7.68 1.37
N ASN B 100 12.36 -6.86 1.53
CA ASN B 100 12.87 -6.52 2.87
C ASN B 100 11.86 -5.73 3.70
N ALA B 101 11.26 -4.70 3.11
CA ALA B 101 10.17 -3.94 3.78
C ALA B 101 9.05 -4.86 4.30
N CYS B 102 8.60 -5.77 3.44
CA CYS B 102 7.50 -6.65 3.80
C CYS B 102 7.86 -7.66 4.91
N PHE B 103 9.06 -8.25 4.88
CA PHE B 103 9.44 -9.14 5.98
C PHE B 103 9.57 -8.35 7.27
N GLU B 104 10.16 -7.17 7.20
CA GLU B 104 10.36 -6.35 8.39
C GLU B 104 9.05 -5.82 8.97
N LEU B 105 8.05 -5.56 8.11
CA LEU B 105 6.69 -5.27 8.59
C LEU B 105 6.15 -6.46 9.38
N ALA B 106 6.26 -7.66 8.81
CA ALA B 106 5.81 -8.88 9.49
C ALA B 106 6.45 -8.98 10.88
N GLU B 107 7.76 -8.76 10.94
CA GLU B 107 8.48 -8.73 12.21
C GLU B 107 7.82 -7.80 13.24
N LYS B 108 7.48 -6.58 12.82
CA LYS B 108 6.79 -5.63 13.70
C LYS B 108 5.42 -6.15 14.17
N LYS B 109 4.71 -6.85 13.28
CA LYS B 109 3.38 -7.37 13.59
C LYS B 109 3.45 -8.80 14.14
N MET B 110 4.61 -9.20 14.66
CA MET B 110 4.81 -10.61 14.99
C MET B 110 3.84 -11.20 16.01
N ASP B 111 3.49 -10.46 17.06
CA ASP B 111 2.60 -11.04 18.07
C ASP B 111 1.21 -11.27 17.46
N GLU B 112 0.74 -10.28 16.69
CA GLU B 112 -0.58 -10.37 16.08
C GLU B 112 -0.68 -11.57 15.14
N ILE B 113 0.34 -11.72 14.30
CA ILE B 113 0.43 -12.81 13.34
C ILE B 113 0.47 -14.16 14.05
N GLU B 114 1.30 -14.27 15.10
CA GLU B 114 1.39 -15.52 15.87
C GLU B 114 0.08 -15.83 16.56
N ALA B 115 -0.58 -14.79 17.08
CA ALA B 115 -1.91 -14.95 17.65
C ALA B 115 -2.91 -15.41 16.60
N GLY B 116 -2.78 -14.89 15.38
CA GLY B 116 -3.69 -15.27 14.30
C GLY B 116 -3.51 -16.73 13.87
N ALA B 117 -2.27 -17.20 13.95
CA ALA B 117 -1.95 -18.59 13.59
C ALA B 117 -2.58 -19.62 14.54
N LYS B 118 -2.97 -19.17 15.74
CA LYS B 118 -3.46 -20.05 16.80
C LYS B 118 -4.99 -20.01 17.00
N LEU B 119 -5.65 -19.12 16.30
CA LEU B 119 -7.10 -18.99 16.33
C LEU B 119 -7.85 -20.32 16.05
N GLU B 120 -9.10 -20.38 16.52
CA GLU B 120 -9.90 -21.59 16.39
C GLU B 120 -10.86 -21.43 15.24
N PRO B 121 -11.20 -22.54 14.56
CA PRO B 121 -12.21 -22.46 13.50
C PRO B 121 -13.50 -21.86 14.07
N SER B 122 -14.07 -20.84 13.40
CA SER B 122 -15.32 -20.22 13.85
C SER B 122 -16.50 -20.83 13.10
N PHE B 123 -16.21 -21.40 11.93
CA PHE B 123 -17.22 -22.16 11.18
C PHE B 123 -16.71 -23.54 10.82
N GLU B 124 -17.62 -24.39 10.37
CA GLU B 124 -17.40 -25.84 10.35
C GLU B 124 -16.07 -26.31 9.74
N GLY B 125 -15.87 -26.03 8.47
CA GLY B 125 -14.67 -26.51 7.82
C GLY B 125 -13.54 -25.49 7.70
N GLU B 126 -13.64 -24.42 8.48
CA GLU B 126 -12.65 -23.35 8.40
C GLU B 126 -11.26 -23.89 8.71
N LYS B 127 -10.32 -23.59 7.81
CA LYS B 127 -8.91 -23.97 7.96
C LYS B 127 -8.15 -22.77 8.51
N ILE B 128 -7.36 -22.98 9.56
CA ILE B 128 -6.63 -21.87 10.17
C ILE B 128 -5.21 -21.86 9.63
N CYS B 129 -4.87 -20.83 8.85
CA CYS B 129 -3.55 -20.75 8.28
C CYS B 129 -2.67 -19.73 9.00
N HIS B 130 -1.37 -19.95 8.95
CA HIS B 130 -0.42 -18.97 9.46
C HIS B 130 -0.52 -17.70 8.62
N PRO B 131 -0.66 -16.54 9.27
CA PRO B 131 -0.83 -15.30 8.52
C PRO B 131 0.44 -14.78 7.84
N ILE B 132 1.61 -15.34 8.12
CA ILE B 132 2.87 -14.82 7.54
C ILE B 132 2.85 -14.77 6.01
N SER B 133 2.26 -15.77 5.35
CA SER B 133 2.33 -15.86 3.89
C SER B 133 1.44 -14.80 3.24
N GLY B 134 0.24 -14.62 3.79
CA GLY B 134 -0.64 -13.54 3.37
C GLY B 134 -0.04 -12.17 3.61
N THR B 135 0.62 -12.00 4.76
CA THR B 135 1.26 -10.73 5.05
C THR B 135 2.27 -10.34 3.95
N ILE B 136 3.17 -11.26 3.62
CA ILE B 136 4.20 -11.02 2.62
C ILE B 136 3.59 -10.78 1.22
N LEU B 137 2.77 -11.72 0.74
CA LEU B 137 2.21 -11.61 -0.62
C LEU B 137 1.29 -10.42 -0.88
N ARG B 138 0.51 -10.00 0.11
CA ARG B 138 -0.25 -8.75 0.00
C ARG B 138 0.68 -7.55 0.00
N CYS B 139 1.57 -7.52 0.98
CA CYS B 139 2.55 -6.42 1.08
C CYS B 139 3.29 -6.19 -0.23
N MET B 140 3.90 -7.25 -0.77
CA MET B 140 4.60 -7.20 -2.07
C MET B 140 3.76 -6.59 -3.21
N GLY B 141 2.55 -7.10 -3.43
CA GLY B 141 1.73 -6.64 -4.52
C GLY B 141 1.31 -5.20 -4.31
N MET B 142 1.06 -4.84 -3.05
CA MET B 142 0.68 -3.46 -2.73
C MET B 142 1.84 -2.48 -2.91
N MET B 143 3.03 -2.85 -2.44
CA MET B 143 4.22 -2.04 -2.64
C MET B 143 4.48 -1.87 -4.13
N MET B 144 4.30 -2.95 -4.89
CA MET B 144 4.63 -2.92 -6.32
C MET B 144 3.67 -2.02 -7.11
N PHE B 145 2.36 -2.18 -6.92
CA PHE B 145 1.41 -1.26 -7.57
C PHE B 145 1.72 0.20 -7.17
N ALA B 146 1.66 0.48 -5.87
CA ALA B 146 1.87 1.83 -5.35
C ALA B 146 3.17 2.52 -5.82
N GLN B 147 4.11 1.77 -6.36
CA GLN B 147 5.34 2.38 -6.89
C GLN B 147 5.66 1.95 -8.33
N CYS B 148 4.63 1.63 -9.10
CA CYS B 148 4.79 1.24 -10.50
C CYS B 148 5.69 2.25 -11.24
N PRO B 149 6.80 1.78 -11.84
CA PRO B 149 7.77 2.69 -12.44
C PRO B 149 7.15 3.45 -13.60
N ALA B 150 7.44 4.73 -13.73
CA ALA B 150 6.85 5.58 -14.76
C ALA B 150 7.06 4.97 -16.14
N SER B 151 8.28 4.48 -16.36
CA SER B 151 8.67 3.87 -17.63
C SER B 151 7.79 2.71 -18.12
N VAL B 152 6.97 2.09 -17.25
CA VAL B 152 6.12 0.94 -17.68
C VAL B 152 4.62 1.15 -17.50
N PHE B 153 4.23 2.31 -16.98
CA PHE B 153 2.84 2.62 -16.73
C PHE B 153 2.09 2.90 -18.04
N ASN B 154 0.95 2.25 -18.24
CA ASN B 154 0.15 2.44 -19.45
C ASN B 154 -0.67 3.71 -19.37
N VAL B 155 -0.42 4.63 -20.30
CA VAL B 155 -1.00 5.97 -20.23
C VAL B 155 -2.29 6.15 -21.03
N ASN B 156 -3.37 6.40 -20.31
CA ASN B 156 -4.59 6.90 -20.92
C ASN B 156 -5.27 7.70 -19.84
N GLU B 157 -6.43 8.28 -20.16
CA GLU B 157 -7.17 9.10 -19.22
C GLU B 157 -7.45 8.34 -17.92
N ASN B 158 -8.10 7.19 -18.01
CA ASN B 158 -8.50 6.44 -16.82
C ASN B 158 -7.33 5.98 -15.95
N CYS B 159 -6.23 5.61 -16.58
CA CYS B 159 -5.05 5.15 -15.86
C CYS B 159 -4.33 6.32 -15.20
N ASN B 160 -4.52 7.50 -15.78
CA ASN B 160 -3.95 8.70 -15.18
C ASN B 160 -4.82 9.21 -14.03
N LYS B 161 -6.13 9.12 -14.17
CA LYS B 161 -7.03 9.48 -13.07
C LYS B 161 -6.79 8.52 -11.91
N LEU B 162 -6.57 7.25 -12.24
CA LEU B 162 -6.28 6.22 -11.23
C LEU B 162 -5.00 6.55 -10.46
N ARG B 163 -3.94 6.88 -11.19
CA ARG B 163 -2.65 7.17 -10.57
C ARG B 163 -2.71 8.42 -9.70
N GLU B 164 -3.50 9.40 -10.12
CA GLU B 164 -3.70 10.64 -9.37
C GLU B 164 -4.41 10.31 -8.06
N TYR B 165 -5.39 9.42 -8.16
CA TYR B 165 -6.10 8.96 -6.98
C TYR B 165 -5.14 8.26 -6.03
N GLY B 166 -4.41 7.27 -6.55
CA GLY B 166 -3.54 6.44 -5.74
C GLY B 166 -2.42 7.20 -5.06
N SER B 167 -2.02 8.32 -5.63
CA SER B 167 -0.86 8.99 -5.11
C SER B 167 -1.24 10.15 -4.19
N ILE B 168 -2.42 10.73 -4.41
CA ILE B 168 -2.84 11.90 -3.63
C ILE B 168 -3.84 11.56 -2.52
N CYS B 169 -4.87 10.78 -2.88
CA CYS B 169 -5.94 10.50 -1.95
C CYS B 169 -5.56 9.82 -0.64
N PRO B 170 -4.59 8.88 -0.67
CA PRO B 170 -4.26 8.29 0.64
C PRO B 170 -3.65 9.30 1.62
N MET B 171 -3.23 10.48 1.18
CA MET B 171 -2.64 11.41 2.16
C MET B 171 -3.54 12.54 2.61
N ILE B 172 -4.81 12.57 2.16
CA ILE B 172 -5.71 13.67 2.54
C ILE B 172 -7.03 13.14 3.12
#